data_8DY4
#
_entry.id   8DY4
#
_cell.length_a   63.340
_cell.length_b   63.340
_cell.length_c   104.580
_cell.angle_alpha   90.000
_cell.angle_beta   90.000
_cell.angle_gamma   120.000
#
_symmetry.space_group_name_H-M   'P 31 2 1'
#
_entity_poly.entity_id   1
_entity_poly.type   'polypeptide(L)'
_entity_poly.pdbx_seq_one_letter_code
;EVQLLESGGGLVQPGGSLRLSCAASGFGFSSYAMSWVRQAPGCGLEWVSAISGSGGSTYYADSVKGRFTISRDNSKNTLY
LQMNSLRAEDTAVYYCARDLIHGVTRNWGQGTLVTVSSGGGSGGGSGCPPCGGGGNFMLTQPHSVSESPGKTVTISCTRS
SGSLANYYVQWYQQRPGQSPTIVIFANNQRPSGVPDRFSGSIDSSSNSASLTISGLKTEDEADYYCQTYDPYSVVFGCGT
KLTVLGHHHHHH
;
_entity_poly.pdbx_strand_id   A
#
# COMPACT_ATOMS: atom_id res chain seq x y z
N GLU A 1 5.68 -13.87 11.97
CA GLU A 1 6.95 -13.54 12.61
C GLU A 1 7.57 -12.31 11.97
N VAL A 2 7.25 -12.07 10.70
CA VAL A 2 7.75 -10.90 9.98
C VAL A 2 7.27 -9.63 10.65
N GLN A 3 8.19 -8.87 11.25
CA GLN A 3 7.86 -7.66 11.97
C GLN A 3 8.49 -6.45 11.27
N LEU A 4 7.69 -5.42 11.06
CA LEU A 4 8.14 -4.13 10.54
C LEU A 4 7.68 -3.05 11.49
N LEU A 5 8.62 -2.36 12.14
CA LEU A 5 8.30 -1.39 13.19
C LEU A 5 8.81 -0.02 12.77
N GLU A 6 7.88 0.88 12.46
CA GLU A 6 8.24 2.24 12.07
C GLU A 6 8.54 3.09 13.30
N SER A 7 9.44 4.06 13.12
CA SER A 7 9.82 4.97 14.19
C SER A 7 10.20 6.31 13.59
N GLY A 8 10.48 7.28 14.46
CA GLY A 8 10.96 8.58 14.07
C GLY A 8 9.90 9.61 13.73
N GLY A 9 8.62 9.25 13.79
CA GLY A 9 7.56 10.20 13.47
C GLY A 9 7.32 11.17 14.62
N GLY A 10 7.09 12.43 14.26
CA GLY A 10 6.86 13.45 15.26
C GLY A 10 6.34 14.72 14.64
N LEU A 11 6.25 15.76 15.48
CA LEU A 11 5.77 17.06 15.04
C LEU A 11 6.92 17.87 14.46
N VAL A 12 6.65 18.53 13.33
CA VAL A 12 7.68 19.28 12.61
C VAL A 12 7.01 20.42 11.85
N GLN A 13 7.80 21.44 11.54
CA GLN A 13 7.37 22.65 10.87
C GLN A 13 7.65 22.57 9.38
N PRO A 14 6.97 23.39 8.57
CA PRO A 14 7.23 23.38 7.12
C PRO A 14 8.69 23.70 6.81
N GLY A 15 9.25 22.95 5.84
CA GLY A 15 10.62 23.15 5.43
C GLY A 15 11.66 22.50 6.31
N GLY A 16 11.26 21.62 7.22
CA GLY A 16 12.19 20.94 8.10
C GLY A 16 12.55 19.55 7.59
N SER A 17 13.41 18.89 8.35
CA SER A 17 13.85 17.54 8.04
C SER A 17 13.41 16.57 9.13
N LEU A 18 13.19 15.33 8.74
CA LEU A 18 12.78 14.27 9.66
C LEU A 18 13.08 12.95 8.98
N ARG A 19 13.75 12.05 9.70
CA ARG A 19 14.08 10.74 9.15
C ARG A 19 13.37 9.67 9.95
N LEU A 20 12.50 8.91 9.28
CA LEU A 20 11.89 7.74 9.86
C LEU A 20 12.80 6.53 9.69
N SER A 21 12.56 5.52 10.52
CA SER A 21 13.29 4.26 10.45
C SER A 21 12.32 3.10 10.50
N CYS A 22 12.84 1.90 10.30
CA CYS A 22 12.01 0.69 10.32
C CYS A 22 12.93 -0.51 10.58
N ALA A 23 12.91 -1.01 11.80
CA ALA A 23 13.68 -2.21 12.15
C ALA A 23 12.86 -3.44 11.75
N ALA A 24 13.31 -4.12 10.70
CA ALA A 24 12.64 -5.32 10.21
C ALA A 24 13.23 -6.57 10.84
N SER A 25 12.44 -7.64 10.81
CA SER A 25 12.89 -8.93 11.33
C SER A 25 12.06 -10.03 10.66
N GLY A 26 12.39 -11.28 10.97
CA GLY A 26 11.66 -12.42 10.46
C GLY A 26 11.98 -12.82 9.04
N PHE A 27 12.97 -12.18 8.41
CA PHE A 27 13.39 -12.51 7.06
C PHE A 27 14.76 -11.90 6.80
N GLY A 28 15.43 -12.41 5.78
CA GLY A 28 16.68 -11.83 5.33
C GLY A 28 16.45 -10.46 4.71
N PHE A 29 16.75 -9.41 5.47
CA PHE A 29 16.42 -8.05 5.04
C PHE A 29 17.08 -7.72 3.71
N SER A 30 18.31 -8.19 3.50
CA SER A 30 19.03 -7.89 2.25
C SER A 30 18.43 -8.60 1.05
N SER A 31 17.58 -9.61 1.27
CA SER A 31 17.05 -10.43 0.18
C SER A 31 15.71 -9.94 -0.34
N TYR A 32 15.22 -8.79 0.11
CA TYR A 32 13.90 -8.33 -0.29
C TYR A 32 13.91 -6.82 -0.52
N ALA A 33 13.02 -6.37 -1.40
CA ALA A 33 12.79 -4.96 -1.63
C ALA A 33 11.82 -4.41 -0.60
N MET A 34 11.92 -3.10 -0.33
CA MET A 34 11.12 -2.44 0.69
C MET A 34 10.56 -1.14 0.14
N SER A 35 9.49 -0.65 0.77
CA SER A 35 8.82 0.54 0.30
C SER A 35 8.13 1.26 1.47
N TRP A 36 7.72 2.51 1.22
CA TRP A 36 7.01 3.35 2.19
C TRP A 36 5.69 3.80 1.60
N VAL A 37 4.60 3.61 2.33
CA VAL A 37 3.27 4.03 1.90
C VAL A 37 2.68 4.92 2.98
N ARG A 38 2.30 6.14 2.60
CA ARG A 38 1.72 7.09 3.54
C ARG A 38 0.21 7.17 3.36
N GLN A 39 -0.47 7.72 4.38
CA GLN A 39 -1.92 7.83 4.35
C GLN A 39 -2.34 8.98 5.27
N ALA A 40 -2.87 10.04 4.67
CA ALA A 40 -3.44 11.12 5.45
C ALA A 40 -4.71 10.65 6.14
N PRO A 41 -5.12 11.31 7.22
CA PRO A 41 -6.33 10.88 7.94
C PRO A 41 -7.55 10.88 7.03
N GLY A 42 -8.31 9.78 7.08
CA GLY A 42 -9.52 9.66 6.29
C GLY A 42 -9.31 9.60 4.79
N CYS A 43 -8.10 9.28 4.34
CA CYS A 43 -7.79 9.20 2.92
C CYS A 43 -7.35 7.79 2.56
N GLY A 44 -7.08 7.59 1.28
CA GLY A 44 -6.61 6.31 0.78
C GLY A 44 -5.10 6.18 0.90
N LEU A 45 -4.61 4.99 0.55
CA LEU A 45 -3.19 4.74 0.57
C LEU A 45 -2.51 5.50 -0.56
N GLU A 46 -1.25 5.87 -0.33
CA GLU A 46 -0.51 6.70 -1.28
C GLU A 46 0.94 6.25 -1.25
N TRP A 47 1.38 5.58 -2.32
CA TRP A 47 2.74 5.09 -2.40
C TRP A 47 3.72 6.26 -2.39
N VAL A 48 4.80 6.12 -1.61
CA VAL A 48 5.80 7.16 -1.44
C VAL A 48 7.08 6.83 -2.18
N SER A 49 7.75 5.74 -1.78
CA SER A 49 9.02 5.38 -2.40
C SER A 49 9.25 3.89 -2.24
N ALA A 50 10.16 3.37 -3.06
CA ALA A 50 10.53 1.96 -3.03
C ALA A 50 12.04 1.85 -3.17
N ILE A 51 12.59 0.75 -2.65
CA ILE A 51 14.02 0.48 -2.77
C ILE A 51 14.22 -1.03 -2.86
N SER A 52 15.28 -1.43 -3.55
CA SER A 52 15.54 -2.83 -3.81
C SER A 52 16.35 -3.45 -2.66
N GLY A 53 16.62 -4.75 -2.78
CA GLY A 53 17.34 -5.48 -1.75
C GLY A 53 18.74 -4.96 -1.51
N SER A 54 19.58 -5.01 -2.54
CA SER A 54 20.93 -4.48 -2.46
C SER A 54 20.94 -2.96 -2.36
N GLY A 55 19.85 -2.31 -2.74
CA GLY A 55 19.74 -0.86 -2.71
C GLY A 55 20.00 -0.17 -4.02
N GLY A 56 20.32 -0.92 -5.08
CA GLY A 56 20.74 -0.30 -6.32
C GLY A 56 19.64 0.52 -6.98
N SER A 57 18.39 0.06 -6.89
CA SER A 57 17.26 0.71 -7.54
C SER A 57 16.37 1.34 -6.48
N THR A 58 16.12 2.64 -6.64
CA THR A 58 15.21 3.38 -5.76
C THR A 58 14.18 4.09 -6.61
N TYR A 59 12.91 3.94 -6.26
CA TYR A 59 11.80 4.53 -6.98
C TYR A 59 11.07 5.52 -6.09
N TYR A 60 10.91 6.75 -6.58
CA TYR A 60 10.24 7.81 -5.83
C TYR A 60 8.92 8.18 -6.49
N ALA A 61 7.99 8.68 -5.68
CA ALA A 61 6.71 9.13 -6.20
C ALA A 61 6.85 10.52 -6.81
N ASP A 62 5.79 10.93 -7.52
CA ASP A 62 5.82 12.23 -8.18
C ASP A 62 5.70 13.38 -7.18
N SER A 63 4.99 13.16 -6.07
CA SER A 63 4.81 14.24 -5.10
C SER A 63 6.11 14.56 -4.36
N VAL A 64 6.95 13.56 -4.13
CA VAL A 64 8.15 13.72 -3.32
C VAL A 64 9.41 13.34 -4.09
N LYS A 65 9.37 13.43 -5.43
CA LYS A 65 10.52 13.09 -6.26
C LYS A 65 11.72 13.95 -5.90
N GLY A 66 12.67 13.38 -5.17
CA GLY A 66 13.85 14.10 -4.74
C GLY A 66 13.71 14.77 -3.39
N ARG A 67 12.50 15.24 -3.05
CA ARG A 67 12.29 15.79 -1.71
C ARG A 67 12.59 14.75 -0.63
N PHE A 68 12.27 13.49 -0.90
CA PHE A 68 12.55 12.40 0.02
C PHE A 68 13.69 11.53 -0.48
N THR A 69 14.35 10.85 0.44
CA THR A 69 15.46 9.97 0.15
C THR A 69 15.23 8.64 0.86
N ILE A 70 14.95 7.61 0.08
CA ILE A 70 14.81 6.27 0.62
C ILE A 70 16.20 5.63 0.67
N SER A 71 16.41 4.80 1.68
CA SER A 71 17.72 4.21 1.93
C SER A 71 17.57 3.08 2.94
N ARG A 72 18.58 2.21 2.99
CA ARG A 72 18.54 1.08 3.91
C ARG A 72 19.94 0.78 4.39
N ASP A 73 20.01 -0.03 5.45
CA ASP A 73 21.26 -0.43 6.11
C ASP A 73 21.12 -1.92 6.40
N ASN A 74 21.46 -2.76 5.42
CA ASN A 74 21.26 -4.19 5.56
C ASN A 74 22.10 -4.80 6.67
N SER A 75 23.20 -4.14 7.05
CA SER A 75 23.98 -4.61 8.20
C SER A 75 23.19 -4.46 9.50
N LYS A 76 22.48 -3.34 9.65
CA LYS A 76 21.67 -3.09 10.84
C LYS A 76 20.24 -3.59 10.71
N ASN A 77 19.88 -4.17 9.55
CA ASN A 77 18.52 -4.64 9.29
C ASN A 77 17.51 -3.51 9.51
N THR A 78 17.79 -2.36 8.91
CA THR A 78 16.98 -1.17 9.14
C THR A 78 16.75 -0.44 7.82
N LEU A 79 15.49 -0.21 7.49
CA LEU A 79 15.10 0.67 6.40
C LEU A 79 14.85 2.07 6.96
N TYR A 80 15.38 3.08 6.27
CA TYR A 80 15.22 4.47 6.65
C TYR A 80 14.30 5.19 5.65
N LEU A 81 14.22 6.52 5.81
CA LEU A 81 13.49 7.38 4.89
C LEU A 81 13.78 8.84 5.24
N GLN A 82 14.74 9.45 4.56
CA GLN A 82 15.07 10.85 4.80
C GLN A 82 14.05 11.76 4.14
N MET A 83 13.57 12.75 4.88
CA MET A 83 12.53 13.65 4.40
C MET A 83 13.01 15.09 4.54
N ASN A 84 12.89 15.85 3.45
CA ASN A 84 13.30 17.25 3.43
C ASN A 84 12.20 18.08 2.78
N SER A 85 12.27 19.40 3.02
CA SER A 85 11.30 20.35 2.49
C SER A 85 9.88 19.92 2.82
N LEU A 86 9.67 19.56 4.09
CA LEU A 86 8.41 18.98 4.52
C LEU A 86 7.27 19.98 4.35
N ARG A 87 6.25 19.59 3.60
CA ARG A 87 5.09 20.40 3.29
C ARG A 87 3.88 19.91 4.08
N ALA A 88 2.88 20.78 4.18
CA ALA A 88 1.66 20.44 4.92
C ALA A 88 0.97 19.21 4.33
N GLU A 89 1.10 19.01 3.02
CA GLU A 89 0.49 17.84 2.39
C GLU A 89 1.11 16.53 2.85
N ASP A 90 2.31 16.58 3.46
CA ASP A 90 3.02 15.37 3.83
C ASP A 90 2.55 14.79 5.16
N THR A 91 1.67 15.47 5.89
CA THR A 91 1.13 14.91 7.12
C THR A 91 0.31 13.66 6.80
N ALA A 92 0.74 12.53 7.34
CA ALA A 92 0.16 11.24 7.02
C ALA A 92 0.69 10.21 8.01
N VAL A 93 0.21 8.98 7.87
CA VAL A 93 0.71 7.84 8.63
C VAL A 93 1.59 7.02 7.71
N TYR A 94 2.88 6.94 8.02
CA TYR A 94 3.87 6.33 7.12
C TYR A 94 4.13 4.89 7.54
N TYR A 95 3.87 3.96 6.62
CA TYR A 95 3.98 2.53 6.89
C TYR A 95 5.27 1.96 6.32
N CYS A 96 5.71 0.87 6.93
CA CYS A 96 6.87 0.11 6.46
C CYS A 96 6.37 -1.19 5.85
N ALA A 97 6.78 -1.46 4.62
CA ALA A 97 6.28 -2.60 3.88
C ALA A 97 7.42 -3.39 3.26
N ARG A 98 7.26 -4.71 3.24
CA ARG A 98 8.18 -5.60 2.53
C ARG A 98 7.58 -5.97 1.18
N ASP A 99 8.46 -6.16 0.20
CA ASP A 99 8.07 -6.44 -1.18
C ASP A 99 8.66 -7.76 -1.64
N LEU A 100 7.79 -8.68 -2.06
CA LEU A 100 8.28 -9.93 -2.65
C LEU A 100 9.10 -9.66 -3.90
N ILE A 101 8.64 -8.73 -4.73
CA ILE A 101 9.38 -8.24 -5.89
C ILE A 101 9.05 -6.76 -6.02
N HIS A 102 9.40 -6.16 -7.15
CA HIS A 102 9.08 -4.75 -7.38
C HIS A 102 7.56 -4.57 -7.45
N GLY A 103 7.04 -3.68 -6.61
CA GLY A 103 5.64 -3.32 -6.67
C GLY A 103 4.67 -4.37 -6.18
N VAL A 104 5.11 -5.33 -5.38
CA VAL A 104 4.26 -6.38 -4.85
C VAL A 104 4.47 -6.42 -3.35
N THR A 105 3.64 -5.66 -2.62
CA THR A 105 3.76 -5.59 -1.17
C THR A 105 3.14 -6.82 -0.53
N ARG A 106 3.85 -7.36 0.47
CA ARG A 106 3.47 -8.63 1.08
C ARG A 106 3.29 -8.55 2.58
N ASN A 107 4.00 -7.64 3.26
CA ASN A 107 3.90 -7.47 4.70
C ASN A 107 3.87 -5.98 5.04
N TRP A 108 3.10 -5.62 6.06
CA TRP A 108 2.94 -4.24 6.49
C TRP A 108 3.31 -4.06 7.95
N GLY A 109 3.71 -2.84 8.29
CA GLY A 109 4.05 -2.50 9.66
C GLY A 109 2.86 -1.97 10.44
N GLN A 110 3.15 -1.30 11.55
CA GLN A 110 2.12 -0.68 12.34
C GLN A 110 1.87 0.74 11.86
N GLY A 111 2.94 1.45 11.57
CA GLY A 111 2.89 2.82 11.11
C GLY A 111 3.64 3.75 12.04
N THR A 112 3.64 5.03 11.66
CA THR A 112 4.12 6.10 12.50
C THR A 112 3.54 7.40 11.98
N LEU A 113 3.28 8.32 12.90
CA LEU A 113 2.58 9.56 12.57
C LEU A 113 3.59 10.68 12.36
N VAL A 114 3.47 11.37 11.22
CA VAL A 114 4.26 12.55 10.92
C VAL A 114 3.30 13.70 10.67
N THR A 115 3.55 14.83 11.32
CA THR A 115 2.66 15.98 11.23
C THR A 115 3.47 17.21 10.84
N VAL A 116 3.02 17.89 9.80
CA VAL A 116 3.62 19.15 9.35
C VAL A 116 2.64 20.25 9.66
N SER A 117 3.04 21.18 10.52
CA SER A 117 2.17 22.27 10.93
C SER A 117 3.01 23.41 11.46
N SER A 118 2.54 24.63 11.25
CA SER A 118 3.23 25.82 11.72
C SER A 118 2.40 26.53 12.78
N GLY A 127 -9.10 18.38 2.96
CA GLY A 127 -9.26 17.60 1.75
C GLY A 127 -8.22 16.51 1.58
N CYS A 128 -8.58 15.46 0.83
CA CYS A 128 -7.64 14.36 0.61
C CYS A 128 -6.84 14.57 -0.66
N PRO A 129 -5.60 14.05 -0.71
CA PRO A 129 -4.87 14.05 -1.96
C PRO A 129 -5.49 13.08 -2.95
N PRO A 130 -5.32 13.32 -4.25
CA PRO A 130 -5.95 12.45 -5.25
C PRO A 130 -5.34 11.05 -5.27
N CYS A 131 -6.08 10.13 -5.86
CA CYS A 131 -5.71 8.72 -5.90
C CYS A 131 -5.99 8.16 -7.30
N GLY A 132 -5.52 6.95 -7.53
CA GLY A 132 -5.73 6.27 -8.80
C GLY A 132 -4.43 5.97 -9.54
N ASN A 136 0.91 8.42 -15.73
CA ASN A 136 1.23 7.33 -16.64
C ASN A 136 0.06 6.36 -16.77
N PHE A 137 -0.36 5.79 -15.65
CA PHE A 137 -1.52 4.91 -15.62
C PHE A 137 -2.26 5.10 -14.30
N MET A 138 -3.53 4.68 -14.29
CA MET A 138 -4.39 4.86 -13.14
C MET A 138 -5.28 3.65 -12.94
N LEU A 139 -5.66 3.40 -11.70
CA LEU A 139 -6.63 2.38 -11.33
C LEU A 139 -7.94 3.04 -10.93
N THR A 140 -9.03 2.28 -11.05
CA THR A 140 -10.36 2.78 -10.73
C THR A 140 -11.18 1.67 -10.11
N GLN A 141 -11.59 1.87 -8.86
CA GLN A 141 -12.53 1.01 -8.18
C GLN A 141 -13.76 1.82 -7.80
N PRO A 142 -14.93 1.20 -7.68
CA PRO A 142 -16.13 1.95 -7.29
C PRO A 142 -15.94 2.58 -5.91
N HIS A 143 -16.66 3.67 -5.68
CA HIS A 143 -16.53 4.41 -4.42
C HIS A 143 -16.89 3.53 -3.23
N SER A 144 -18.03 2.85 -3.31
CA SER A 144 -18.46 1.97 -2.24
C SER A 144 -19.49 0.99 -2.79
N VAL A 145 -19.50 -0.22 -2.23
CA VAL A 145 -20.48 -1.24 -2.55
C VAL A 145 -20.96 -1.88 -1.26
N SER A 146 -22.24 -2.25 -1.24
CA SER A 146 -22.86 -2.81 -0.05
C SER A 146 -23.62 -4.07 -0.40
N GLU A 147 -23.77 -4.94 0.60
CA GLU A 147 -24.48 -6.20 0.45
C GLU A 147 -24.77 -6.78 1.82
N SER A 148 -25.87 -7.51 1.92
CA SER A 148 -26.25 -8.18 3.15
C SER A 148 -25.29 -9.31 3.48
N PRO A 149 -25.16 -9.66 4.75
CA PRO A 149 -24.28 -10.79 5.11
C PRO A 149 -24.75 -12.09 4.49
N GLY A 150 -23.80 -13.02 4.34
CA GLY A 150 -24.07 -14.31 3.74
C GLY A 150 -24.11 -14.32 2.23
N LYS A 151 -24.24 -13.16 1.59
CA LYS A 151 -24.28 -13.08 0.14
C LYS A 151 -22.88 -12.84 -0.41
N THR A 152 -22.77 -12.74 -1.73
CA THR A 152 -21.49 -12.58 -2.42
C THR A 152 -21.40 -11.18 -2.99
N VAL A 153 -20.19 -10.61 -2.94
CA VAL A 153 -19.92 -9.30 -3.51
C VAL A 153 -18.60 -9.36 -4.27
N THR A 154 -18.50 -8.52 -5.31
CA THR A 154 -17.28 -8.41 -6.11
C THR A 154 -16.95 -6.93 -6.27
N ILE A 155 -15.65 -6.61 -6.16
CA ILE A 155 -15.16 -5.25 -6.24
C ILE A 155 -14.24 -5.15 -7.45
N SER A 156 -14.61 -4.29 -8.41
CA SER A 156 -13.84 -4.14 -9.63
C SER A 156 -12.68 -3.16 -9.44
N CYS A 157 -11.61 -3.39 -10.21
CA CYS A 157 -10.42 -2.53 -10.21
C CYS A 157 -9.90 -2.51 -11.64
N THR A 158 -10.24 -1.44 -12.37
CA THR A 158 -9.94 -1.34 -13.79
C THR A 158 -8.70 -0.48 -14.01
N ARG A 159 -7.78 -0.98 -14.83
CA ARG A 159 -6.52 -0.29 -15.12
C ARG A 159 -6.66 0.54 -16.39
N SER A 160 -6.18 1.78 -16.34
CA SER A 160 -6.37 2.72 -17.45
C SER A 160 -5.42 2.41 -18.60
N SER A 161 -4.11 2.58 -18.37
CA SER A 161 -3.10 2.41 -19.41
C SER A 161 -2.16 1.28 -19.04
N GLY A 162 -1.62 0.62 -20.06
CA GLY A 162 -0.73 -0.50 -19.85
C GLY A 162 -1.47 -1.78 -19.55
N SER A 163 -0.99 -2.90 -20.10
CA SER A 163 -1.64 -4.18 -19.85
C SER A 163 -1.66 -4.51 -18.37
N LEU A 164 -2.77 -5.08 -17.92
CA LEU A 164 -2.90 -5.46 -16.51
C LEU A 164 -2.31 -6.84 -16.24
N ALA A 165 -2.36 -7.73 -17.23
CA ALA A 165 -1.75 -9.05 -17.07
C ALA A 165 -0.23 -9.00 -17.07
N ASN A 166 0.36 -7.89 -17.51
CA ASN A 166 1.81 -7.73 -17.49
C ASN A 166 2.35 -7.34 -16.11
N TYR A 167 1.49 -6.94 -15.17
CA TYR A 167 1.93 -6.49 -13.86
C TYR A 167 1.00 -7.06 -12.79
N TYR A 168 1.57 -7.76 -11.82
CA TYR A 168 0.78 -8.40 -10.78
C TYR A 168 -0.06 -7.38 -10.02
N VAL A 169 -1.23 -7.83 -9.57
CA VAL A 169 -2.18 -6.99 -8.85
C VAL A 169 -2.36 -7.55 -7.44
N GLN A 170 -2.45 -6.66 -6.47
CA GLN A 170 -2.64 -7.03 -5.07
C GLN A 170 -3.96 -6.45 -4.55
N TRP A 171 -4.44 -7.03 -3.45
CA TRP A 171 -5.62 -6.54 -2.75
C TRP A 171 -5.33 -6.49 -1.26
N TYR A 172 -5.65 -5.36 -0.63
CA TYR A 172 -5.46 -5.17 0.79
C TYR A 172 -6.77 -4.76 1.46
N GLN A 173 -6.92 -5.16 2.71
CA GLN A 173 -8.07 -4.79 3.53
C GLN A 173 -7.61 -3.89 4.67
N GLN A 174 -8.30 -2.76 4.84
CA GLN A 174 -8.00 -1.84 5.94
C GLN A 174 -9.28 -1.55 6.71
N ARG A 175 -9.37 -2.09 7.93
CA ARG A 175 -10.48 -1.76 8.81
C ARG A 175 -10.22 -0.42 9.49
N PRO A 176 -11.28 0.29 9.89
CA PRO A 176 -11.10 1.60 10.54
C PRO A 176 -10.18 1.50 11.75
N GLY A 177 -9.04 2.18 11.66
CA GLY A 177 -8.07 2.18 12.74
C GLY A 177 -7.04 1.05 12.67
N GLN A 178 -7.20 0.11 11.75
CA GLN A 178 -6.27 -1.00 11.61
C GLN A 178 -5.26 -0.72 10.50
N SER A 179 -4.22 -1.51 10.49
CA SER A 179 -3.28 -1.36 9.40
C SER A 179 -3.68 -2.26 8.23
N PRO A 180 -3.36 -1.86 7.00
CA PRO A 180 -3.76 -2.66 5.83
C PRO A 180 -3.05 -3.99 5.80
N THR A 181 -3.81 -5.06 5.56
CA THR A 181 -3.28 -6.41 5.45
C THR A 181 -3.54 -6.96 4.06
N ILE A 182 -2.56 -7.71 3.54
CA ILE A 182 -2.71 -8.33 2.23
C ILE A 182 -3.75 -9.44 2.30
N VAL A 183 -4.62 -9.50 1.29
CA VAL A 183 -5.64 -10.55 1.22
C VAL A 183 -5.51 -11.31 -0.08
N ILE A 184 -5.03 -10.63 -1.14
CA ILE A 184 -4.86 -11.24 -2.45
C ILE A 184 -3.69 -10.57 -3.14
N PHE A 185 -2.71 -11.37 -3.57
CA PHE A 185 -1.56 -10.88 -4.30
C PHE A 185 -1.31 -11.75 -5.52
N ALA A 186 -0.41 -11.30 -6.38
CA ALA A 186 -0.10 -11.98 -7.64
C ALA A 186 -1.38 -12.29 -8.41
N ASN A 187 -2.26 -11.30 -8.47
CA ASN A 187 -3.56 -11.38 -9.13
C ASN A 187 -4.52 -12.34 -8.42
N ASN A 188 -4.15 -13.62 -8.32
CA ASN A 188 -5.04 -14.62 -7.75
C ASN A 188 -4.50 -15.34 -6.53
N GLN A 189 -3.21 -15.19 -6.21
CA GLN A 189 -2.64 -15.93 -5.10
C GLN A 189 -3.13 -15.35 -3.77
N ARG A 190 -3.48 -16.24 -2.85
CA ARG A 190 -4.02 -15.86 -1.56
C ARG A 190 -3.06 -16.24 -0.45
N PRO A 191 -2.67 -15.29 0.40
CA PRO A 191 -1.74 -15.62 1.48
C PRO A 191 -2.34 -16.64 2.44
N SER A 192 -1.50 -17.56 2.90
CA SER A 192 -1.93 -18.55 3.87
C SER A 192 -2.45 -17.84 5.12
N GLY A 193 -3.70 -18.12 5.48
CA GLY A 193 -4.39 -17.46 6.57
C GLY A 193 -5.53 -16.57 6.12
N VAL A 194 -5.44 -16.03 4.90
CA VAL A 194 -6.56 -15.27 4.34
C VAL A 194 -7.69 -16.23 3.99
N PRO A 195 -8.93 -15.95 4.37
CA PRO A 195 -10.01 -16.92 4.13
C PRO A 195 -10.25 -17.16 2.64
N ASP A 196 -10.59 -18.42 2.32
CA ASP A 196 -10.73 -18.84 0.94
C ASP A 196 -11.93 -18.21 0.23
N ARG A 197 -12.84 -17.57 0.97
CA ARG A 197 -13.94 -16.86 0.33
C ARG A 197 -13.49 -15.57 -0.34
N PHE A 198 -12.27 -15.12 -0.07
CA PHE A 198 -11.68 -13.96 -0.76
C PHE A 198 -10.93 -14.49 -1.98
N SER A 199 -11.51 -14.32 -3.15
CA SER A 199 -10.90 -14.77 -4.40
C SER A 199 -10.52 -13.57 -5.26
N GLY A 200 -9.49 -13.76 -6.08
CA GLY A 200 -9.03 -12.71 -6.97
C GLY A 200 -8.91 -13.19 -8.40
N SER A 201 -9.50 -12.44 -9.33
CA SER A 201 -9.45 -12.76 -10.74
C SER A 201 -9.11 -11.51 -11.54
N ILE A 202 -8.82 -11.69 -12.82
CA ILE A 202 -8.51 -10.60 -13.72
C ILE A 202 -9.16 -10.88 -15.07
N ASP A 203 -9.97 -9.95 -15.55
CA ASP A 203 -10.56 -10.01 -16.88
C ASP A 203 -9.67 -9.20 -17.82
N SER A 204 -9.00 -9.89 -18.73
CA SER A 204 -7.96 -9.27 -19.54
C SER A 204 -8.52 -8.37 -20.63
N SER A 205 -9.68 -8.72 -21.20
CA SER A 205 -10.24 -7.89 -22.26
C SER A 205 -10.70 -6.55 -21.73
N SER A 206 -11.52 -6.56 -20.67
CA SER A 206 -11.95 -5.31 -20.06
C SER A 206 -10.84 -4.62 -19.27
N ASN A 207 -9.69 -5.28 -19.10
CA ASN A 207 -8.52 -4.70 -18.44
C ASN A 207 -8.84 -4.32 -17.00
N SER A 208 -9.17 -5.33 -16.20
CA SER A 208 -9.64 -5.11 -14.85
C SER A 208 -9.37 -6.32 -13.98
N ALA A 209 -9.12 -6.06 -12.70
CA ALA A 209 -8.98 -7.08 -11.67
C ALA A 209 -10.16 -6.99 -10.71
N SER A 210 -10.64 -8.14 -10.25
CA SER A 210 -11.82 -8.19 -9.41
C SER A 210 -11.54 -9.04 -8.18
N LEU A 211 -11.83 -8.47 -7.01
CA LEU A 211 -11.80 -9.19 -5.74
C LEU A 211 -13.22 -9.61 -5.39
N THR A 212 -13.40 -10.88 -5.03
CA THR A 212 -14.72 -11.44 -4.80
C THR A 212 -14.78 -12.09 -3.42
N ILE A 213 -15.79 -11.70 -2.65
CA ILE A 213 -16.02 -12.23 -1.31
C ILE A 213 -17.34 -12.96 -1.31
N SER A 214 -17.30 -14.29 -1.27
CA SER A 214 -18.49 -15.11 -1.20
C SER A 214 -18.89 -15.33 0.25
N GLY A 215 -20.19 -15.22 0.53
CA GLY A 215 -20.68 -15.36 1.88
C GLY A 215 -20.13 -14.29 2.80
N LEU A 216 -20.69 -13.08 2.71
CA LEU A 216 -20.19 -11.95 3.47
C LEU A 216 -20.44 -12.14 4.96
N LYS A 217 -19.55 -11.56 5.77
CA LYS A 217 -19.71 -11.51 7.21
C LYS A 217 -19.65 -10.05 7.66
N THR A 218 -20.11 -9.81 8.89
CA THR A 218 -20.12 -8.45 9.42
C THR A 218 -18.70 -7.91 9.61
N GLU A 219 -17.73 -8.79 9.82
CA GLU A 219 -16.34 -8.37 10.00
C GLU A 219 -15.67 -7.99 8.69
N ASP A 220 -16.26 -8.33 7.55
CA ASP A 220 -15.69 -7.97 6.26
C ASP A 220 -15.78 -6.47 5.97
N GLU A 221 -16.60 -5.74 6.71
CA GLU A 221 -16.78 -4.30 6.49
C GLU A 221 -15.48 -3.54 6.73
N ALA A 222 -14.88 -3.03 5.66
CA ALA A 222 -13.60 -2.33 5.72
C ALA A 222 -13.32 -1.70 4.37
N ASP A 223 -12.17 -1.03 4.26
CA ASP A 223 -11.70 -0.52 2.99
C ASP A 223 -10.91 -1.60 2.26
N TYR A 224 -11.07 -1.65 0.94
CA TYR A 224 -10.36 -2.60 0.10
C TYR A 224 -9.65 -1.85 -1.01
N TYR A 225 -8.32 -1.87 -0.97
CA TYR A 225 -7.48 -1.18 -1.94
C TYR A 225 -6.81 -2.19 -2.85
N CYS A 226 -6.89 -1.97 -4.16
CA CYS A 226 -6.12 -2.73 -5.14
C CYS A 226 -4.85 -1.96 -5.51
N GLN A 227 -3.86 -2.70 -5.98
CA GLN A 227 -2.54 -2.09 -6.22
C GLN A 227 -1.77 -2.93 -7.22
N THR A 228 -1.38 -2.32 -8.33
CA THR A 228 -0.41 -2.93 -9.23
C THR A 228 0.81 -2.03 -9.35
N TYR A 229 1.55 -2.14 -10.44
CA TYR A 229 2.79 -1.38 -10.59
C TYR A 229 3.11 -1.21 -12.06
N ASP A 230 4.24 -0.57 -12.31
CA ASP A 230 4.90 -0.55 -13.62
C ASP A 230 6.39 -0.51 -13.33
N PRO A 231 7.24 -0.63 -14.35
CA PRO A 231 8.70 -0.61 -14.08
C PRO A 231 9.19 0.64 -13.37
N TYR A 232 8.38 1.69 -13.27
CA TYR A 232 8.84 2.95 -12.73
C TYR A 232 8.13 3.40 -11.46
N SER A 233 7.03 2.77 -11.07
CA SER A 233 6.27 3.28 -9.92
C SER A 233 5.29 2.23 -9.42
N VAL A 234 4.75 2.49 -8.24
CA VAL A 234 3.65 1.72 -7.66
C VAL A 234 2.43 2.61 -7.60
N VAL A 235 1.25 2.02 -7.74
CA VAL A 235 0.00 2.79 -7.75
C VAL A 235 -1.05 2.07 -6.91
N PHE A 236 -1.60 2.76 -5.92
CA PHE A 236 -2.69 2.27 -5.10
C PHE A 236 -4.02 2.83 -5.59
N GLY A 237 -5.00 1.96 -5.75
CA GLY A 237 -6.33 2.42 -6.11
C GLY A 237 -6.97 3.25 -5.01
N CYS A 238 -8.02 3.98 -5.39
CA CYS A 238 -8.69 4.86 -4.43
C CYS A 238 -9.31 4.09 -3.28
N GLY A 239 -9.81 2.90 -3.53
CA GLY A 239 -10.38 2.12 -2.45
C GLY A 239 -11.90 2.11 -2.50
N THR A 240 -12.47 0.99 -2.06
CA THR A 240 -13.91 0.79 -2.06
C THR A 240 -14.36 0.45 -0.65
N LYS A 241 -15.22 1.29 -0.09
CA LYS A 241 -15.77 1.04 1.24
C LYS A 241 -16.86 -0.02 1.14
N LEU A 242 -16.56 -1.22 1.63
CA LEU A 242 -17.55 -2.29 1.64
C LEU A 242 -18.42 -2.15 2.88
N THR A 243 -19.70 -1.90 2.68
CA THR A 243 -20.65 -1.75 3.77
C THR A 243 -21.44 -3.04 3.93
N VAL A 244 -21.36 -3.65 5.11
CA VAL A 244 -22.12 -4.85 5.42
C VAL A 244 -23.43 -4.44 6.08
N LEU A 245 -24.51 -5.11 5.69
CA LEU A 245 -25.84 -4.78 6.21
C LEU A 245 -26.32 -5.83 7.21
#